data_2V0I
#
_entry.id   2V0I
#
_cell.length_a   107.808
_cell.length_b   107.808
_cell.length_c   233.876
_cell.angle_alpha   90.00
_cell.angle_beta   90.00
_cell.angle_gamma   120.00
#
_symmetry.space_group_name_H-M   'P 63 2 2'
#
loop_
_entity.id
_entity.type
_entity.pdbx_description
1 polymer 'BIFUNCTIONAL PROTEIN GLMU'
2 non-polymer URIDINE-DIPHOSPHATE-N-ACETYLGLUCOSAMINE
3 non-polymer 'TETRAETHYLENE GLYCOL'
4 non-polymer DI(HYDROXYETHYL)ETHER
5 non-polymer 'SULFATE ION'
6 water water
#
_entity_poly.entity_id   1
_entity_poly.type   'polypeptide(L)'
_entity_poly.pdbx_seq_one_letter_code
;MTKKALSAVILAAGKGTRMYSDLPKVLHTIAGKPMVKHVIDTAHQLGSENIHLIYGHGGDLMRTHLANEQVNWVLQTEQL
GTAHAVQQAAPFFKDNENIVVLYGDAPLITKETLEKLIEAKPENGIALLTVNLDNPTGYGRIIRENGNVVAIVEQKDANA
EQLNIKEVNTGVMVSDGASFKKWLARVGNNNAQGEYYLTDLIALANQDNCQVVAVQATDVMEVEGANNRLQLAALERYFQ
NKQASKLLLEGVMIYDPARFDLRGTLEHGKDVEIDVNVIIEGNVKLGDRVKIGTGCVLKNVVIGNDVEIKPYSVLEDSIV
GEKAAIGPFSRLRPGAELAAETHVGNFVEIKKSTVGKGSKVNHLTYVGDSEIGSNCNIGAGVITCNYDGANKFKTIIGDD
VFVGSDTQLVAPVKVANGATIGAGTTITRDVGENELVITRVAQRHIQGWQRPIKKK
;
_entity_poly.pdbx_strand_id   A
#
loop_
_chem_comp.id
_chem_comp.type
_chem_comp.name
_chem_comp.formula
PEG non-polymer DI(HYDROXYETHYL)ETHER 'C4 H10 O3'
PG4 non-polymer 'TETRAETHYLENE GLYCOL' 'C8 H18 O5'
SO4 non-polymer 'SULFATE ION' 'O4 S -2'
UD1 non-polymer URIDINE-DIPHOSPHATE-N-ACETYLGLUCOSAMINE 'C17 H27 N3 O17 P2'
#
# COMPACT_ATOMS: atom_id res chain seq x y z
N LYS A 4 30.47 5.50 12.46
CA LYS A 4 29.76 4.72 13.50
C LYS A 4 28.60 3.90 12.91
N ALA A 5 28.42 2.69 13.45
CA ALA A 5 27.28 1.86 13.09
C ALA A 5 25.99 2.52 13.60
N LEU A 6 24.87 1.93 13.22
CA LEU A 6 23.54 2.43 13.60
C LEU A 6 22.60 1.26 13.80
N SER A 7 21.78 1.33 14.85
CA SER A 7 20.58 0.51 14.97
C SER A 7 19.39 1.40 15.34
N ALA A 8 18.20 0.85 15.23
CA ALA A 8 16.96 1.60 15.45
C ALA A 8 16.10 0.93 16.50
N VAL A 9 15.35 1.74 17.24
CA VAL A 9 14.30 1.25 18.12
C VAL A 9 12.99 1.92 17.72
N ILE A 10 11.96 1.11 17.48
CA ILE A 10 10.67 1.62 17.04
C ILE A 10 9.65 1.32 18.12
N LEU A 11 9.09 2.35 18.72
CA LEU A 11 8.07 2.22 19.75
C LEU A 11 6.73 1.96 19.07
N ALA A 12 6.09 0.85 19.41
CA ALA A 12 4.90 0.40 18.68
C ALA A 12 3.91 -0.39 19.54
N ALA A 13 3.93 -0.15 20.85
CA ALA A 13 3.17 -0.99 21.79
C ALA A 13 1.80 -0.42 22.12
N GLY A 14 1.43 0.71 21.53
CA GLY A 14 0.24 1.44 21.94
C GLY A 14 -1.06 0.84 21.47
N LYS A 15 -2.10 1.02 22.30
CA LYS A 15 -3.45 0.54 22.03
C LYS A 15 -4.16 1.38 20.95
N GLY A 16 -3.87 2.67 20.92
CA GLY A 16 -4.51 3.57 19.97
C GLY A 16 -5.99 3.70 20.21
N THR A 17 -6.35 4.00 21.47
CA THR A 17 -7.76 4.08 21.90
C THR A 17 -8.61 4.99 21.01
N ARG A 18 -8.04 6.12 20.60
CA ARG A 18 -8.81 7.11 19.83
C ARG A 18 -8.98 6.77 18.33
N MET A 19 -8.41 5.65 17.89
CA MET A 19 -8.74 5.04 16.60
C MET A 19 -10.07 4.28 16.64
N TYR A 20 -10.54 3.97 17.86
CA TYR A 20 -11.75 3.18 18.08
C TYR A 20 -11.78 1.94 17.21
N SER A 21 -10.79 1.09 17.43
CA SER A 21 -10.51 -0.06 16.58
C SER A 21 -10.11 -1.29 17.39
N ASP A 22 -10.31 -2.45 16.80
CA ASP A 22 -9.82 -3.71 17.36
C ASP A 22 -8.37 -3.97 16.99
N LEU A 23 -7.83 -3.17 16.08
CA LEU A 23 -6.40 -3.22 15.75
C LEU A 23 -5.61 -2.38 16.72
N PRO A 24 -4.34 -2.74 16.94
CA PRO A 24 -3.44 -1.86 17.66
C PRO A 24 -3.10 -0.64 16.80
N LYS A 25 -2.59 0.39 17.44
CA LYS A 25 -2.40 1.69 16.83
C LYS A 25 -1.62 1.66 15.52
N VAL A 26 -0.52 0.91 15.50
CA VAL A 26 0.45 1.06 14.40
C VAL A 26 0.17 0.18 13.18
N LEU A 27 -0.88 -0.64 13.24
CA LEU A 27 -1.21 -1.49 12.09
C LEU A 27 -2.20 -0.83 11.13
N HIS A 28 -2.76 0.31 11.49
CA HIS A 28 -3.58 1.09 10.55
C HIS A 28 -2.71 1.50 9.36
N THR A 29 -3.29 1.45 8.17
CA THR A 29 -2.50 1.57 6.96
C THR A 29 -2.40 2.98 6.41
N ILE A 30 -1.28 3.24 5.75
CA ILE A 30 -1.07 4.37 4.87
C ILE A 30 -0.63 3.77 3.55
N ALA A 31 -1.29 4.18 2.47
CA ALA A 31 -1.00 3.65 1.13
C ALA A 31 -1.02 2.12 1.11
N GLY A 32 -1.93 1.54 1.88
CA GLY A 32 -2.18 0.11 1.85
C GLY A 32 -1.27 -0.74 2.72
N LYS A 33 -0.35 -0.13 3.45
CA LYS A 33 0.45 -0.90 4.39
C LYS A 33 0.52 -0.27 5.78
N PRO A 34 0.67 -1.09 6.81
CA PRO A 34 0.73 -0.60 8.19
C PRO A 34 1.73 0.53 8.35
N MET A 35 1.35 1.54 9.14
CA MET A 35 2.23 2.67 9.43
C MET A 35 3.60 2.18 9.86
N VAL A 36 3.62 1.17 10.72
CA VAL A 36 4.91 0.68 11.25
C VAL A 36 5.81 0.09 10.16
N LYS A 37 5.20 -0.45 9.10
CA LYS A 37 5.99 -0.99 8.00
C LYS A 37 6.75 0.11 7.27
N HIS A 38 6.14 1.29 7.10
CA HIS A 38 6.83 2.44 6.54
C HIS A 38 8.08 2.79 7.36
N VAL A 39 7.94 2.73 8.69
CA VAL A 39 9.02 3.11 9.61
C VAL A 39 10.15 2.07 9.60
N ILE A 40 9.79 0.80 9.60
CA ILE A 40 10.77 -0.30 9.51
C ILE A 40 11.58 -0.14 8.22
N ASP A 41 10.88 0.13 7.11
CA ASP A 41 11.52 0.29 5.80
C ASP A 41 12.51 1.46 5.78
N THR A 42 12.14 2.57 6.41
CA THR A 42 13.01 3.74 6.52
C THR A 42 14.24 3.43 7.36
N ALA A 43 14.05 2.71 8.47
CA ALA A 43 15.14 2.34 9.33
C ALA A 43 16.14 1.44 8.57
N HIS A 44 15.61 0.56 7.72
CA HIS A 44 16.44 -0.31 6.89
C HIS A 44 17.23 0.46 5.82
N GLN A 45 16.57 1.43 5.17
CA GLN A 45 17.23 2.23 4.14
C GLN A 45 18.32 3.14 4.72
N LEU A 46 18.13 3.52 5.97
CA LEU A 46 19.09 4.32 6.70
C LEU A 46 20.38 3.52 7.00
N GLY A 47 20.26 2.20 6.95
CA GLY A 47 21.39 1.30 7.16
C GLY A 47 21.46 0.72 8.58
N SER A 48 20.31 0.64 9.24
CA SER A 48 20.25 0.09 10.60
C SER A 48 20.68 -1.38 10.57
N GLU A 49 21.60 -1.73 11.45
CA GLU A 49 22.07 -3.12 11.58
C GLU A 49 21.01 -3.97 12.27
N ASN A 50 20.48 -3.46 13.39
CA ASN A 50 19.35 -4.09 14.07
C ASN A 50 18.17 -3.10 14.10
N ILE A 51 16.95 -3.62 14.09
CA ILE A 51 15.73 -2.83 14.27
C ILE A 51 14.94 -3.47 15.40
N HIS A 52 14.93 -2.81 16.55
CA HIS A 52 14.26 -3.34 17.73
C HIS A 52 12.83 -2.81 17.74
N LEU A 53 11.88 -3.71 17.56
CA LEU A 53 10.46 -3.35 17.52
C LEU A 53 9.85 -3.57 18.90
N ILE A 54 9.46 -2.49 19.56
CA ILE A 54 8.83 -2.58 20.88
C ILE A 54 7.34 -2.72 20.67
N TYR A 55 6.81 -3.88 21.06
CA TYR A 55 5.40 -4.16 20.84
C TYR A 55 4.74 -4.61 22.13
N GLY A 56 3.41 -4.58 22.17
CA GLY A 56 2.66 -4.87 23.37
C GLY A 56 1.19 -5.14 23.06
N HIS A 57 0.39 -4.08 23.02
CA HIS A 57 -1.04 -4.22 22.67
C HIS A 57 -1.25 -4.80 21.28
N GLY A 58 -2.25 -5.68 21.16
CA GLY A 58 -2.52 -6.38 19.93
C GLY A 58 -1.34 -7.20 19.46
N GLY A 59 -0.62 -7.80 20.40
CA GLY A 59 0.60 -8.55 20.12
C GLY A 59 0.45 -9.64 19.07
N ASP A 60 -0.59 -10.44 19.19
CA ASP A 60 -0.87 -11.50 18.22
C ASP A 60 -1.06 -10.94 16.82
N LEU A 61 -1.83 -9.86 16.70
CA LEU A 61 -2.05 -9.19 15.41
C LEU A 61 -0.78 -8.58 14.84
N MET A 62 0.06 -8.03 15.70
CA MET A 62 1.34 -7.48 15.25
C MET A 62 2.16 -8.59 14.60
N ARG A 63 2.23 -9.74 15.27
CA ARG A 63 3.07 -10.84 14.80
C ARG A 63 2.57 -11.49 13.51
N THR A 64 1.26 -11.54 13.31
CA THR A 64 0.68 -12.07 12.07
C THR A 64 0.84 -11.10 10.90
N HIS A 65 0.62 -9.81 11.14
CA HIS A 65 0.65 -8.79 10.09
C HIS A 65 2.07 -8.37 9.69
N LEU A 66 3.03 -8.60 10.59
CA LEU A 66 4.41 -8.17 10.37
C LEU A 66 5.35 -9.38 10.45
N ALA A 67 4.82 -10.56 10.15
CA ALA A 67 5.54 -11.82 10.32
C ALA A 67 6.85 -11.85 9.54
N ASN A 68 6.85 -11.21 8.38
CA ASN A 68 8.03 -11.20 7.50
C ASN A 68 9.02 -10.04 7.69
N GLU A 69 8.81 -9.21 8.69
CA GLU A 69 9.66 -8.05 8.88
C GLU A 69 10.95 -8.43 9.60
N GLN A 70 12.07 -7.92 9.11
CA GLN A 70 13.39 -8.20 9.68
C GLN A 70 13.63 -7.27 10.88
N VAL A 71 13.07 -7.68 12.01
CA VAL A 71 13.14 -6.93 13.25
C VAL A 71 13.38 -7.85 14.43
N ASN A 72 13.87 -7.26 15.52
CA ASN A 72 14.01 -7.91 16.81
C ASN A 72 12.71 -7.65 17.59
N TRP A 73 11.96 -8.70 17.84
CA TRP A 73 10.69 -8.59 18.55
C TRP A 73 10.92 -8.41 20.04
N VAL A 74 10.61 -7.21 20.53
CA VAL A 74 10.81 -6.87 21.93
C VAL A 74 9.48 -6.58 22.59
N LEU A 75 9.00 -7.53 23.39
CA LEU A 75 7.71 -7.43 24.03
C LEU A 75 7.79 -6.57 25.29
N GLN A 76 7.01 -5.49 25.29
CA GLN A 76 6.83 -4.64 26.47
C GLN A 76 5.50 -5.00 27.12
N THR A 77 5.56 -5.78 28.19
CA THR A 77 4.34 -6.30 28.81
C THR A 77 3.49 -5.19 29.43
N GLU A 78 4.13 -4.12 29.91
CA GLU A 78 3.43 -2.96 30.48
C GLU A 78 3.96 -1.65 29.89
N GLN A 79 3.06 -0.73 29.55
CA GLN A 79 3.44 0.52 28.89
C GLN A 79 3.72 1.61 29.93
N LEU A 80 4.91 1.53 30.54
CA LEU A 80 5.22 2.38 31.69
C LEU A 80 5.93 3.68 31.32
N GLY A 81 6.00 3.98 30.03
CA GLY A 81 6.56 5.24 29.55
C GLY A 81 7.55 5.02 28.41
N THR A 82 7.82 6.07 27.66
CA THR A 82 8.73 5.96 26.50
C THR A 82 10.15 5.53 26.88
N ALA A 83 10.64 5.93 28.05
CA ALA A 83 11.97 5.48 28.50
C ALA A 83 11.97 3.98 28.82
N HIS A 84 10.90 3.52 29.45
CA HIS A 84 10.74 2.10 29.80
C HIS A 84 10.70 1.24 28.52
N ALA A 85 10.02 1.73 27.50
CA ALA A 85 9.97 1.06 26.20
C ALA A 85 11.37 0.89 25.60
N VAL A 86 12.14 1.98 25.53
CA VAL A 86 13.48 1.93 24.92
C VAL A 86 14.40 1.01 25.73
N GLN A 87 14.21 1.02 27.04
CA GLN A 87 15.04 0.24 27.96
C GLN A 87 14.86 -1.25 27.73
N GLN A 88 13.69 -1.66 27.21
CA GLN A 88 13.49 -3.08 26.86
C GLN A 88 14.46 -3.54 25.77
N ALA A 89 14.84 -2.64 24.87
CA ALA A 89 15.80 -2.93 23.82
C ALA A 89 17.26 -2.67 24.22
N ALA A 90 17.46 -1.90 25.28
CA ALA A 90 18.79 -1.39 25.65
C ALA A 90 19.89 -2.45 25.85
N PRO A 91 19.57 -3.62 26.40
CA PRO A 91 20.58 -4.69 26.48
C PRO A 91 21.20 -5.14 25.15
N PHE A 92 20.52 -4.89 24.02
CA PHE A 92 21.07 -5.19 22.69
C PHE A 92 21.87 -4.06 22.06
N PHE A 93 21.84 -2.87 22.64
CA PHE A 93 22.59 -1.75 22.09
C PHE A 93 24.08 -2.04 22.22
N LYS A 94 24.84 -1.85 21.15
CA LYS A 94 26.30 -1.82 21.20
C LYS A 94 26.73 -0.45 21.73
N ASP A 95 27.76 -0.44 22.58
CA ASP A 95 28.22 0.79 23.21
C ASP A 95 28.62 1.85 22.21
N ASN A 96 29.21 1.43 21.10
CA ASN A 96 29.78 2.37 20.14
C ASN A 96 28.99 2.46 18.81
N GLU A 97 27.73 2.04 18.82
CA GLU A 97 26.82 2.33 17.71
C GLU A 97 25.89 3.47 18.11
N ASN A 98 25.43 4.22 17.13
CA ASN A 98 24.34 5.17 17.33
C ASN A 98 23.00 4.42 17.35
N ILE A 99 22.06 4.91 18.14
CA ILE A 99 20.71 4.35 18.23
C ILE A 99 19.74 5.48 17.89
N VAL A 100 18.87 5.26 16.92
CA VAL A 100 17.82 6.23 16.57
C VAL A 100 16.49 5.72 17.11
N VAL A 101 15.75 6.56 17.81
CA VAL A 101 14.43 6.24 18.34
C VAL A 101 13.36 6.76 17.42
N LEU A 102 12.52 5.85 16.95
CA LEU A 102 11.44 6.14 16.01
C LEU A 102 10.11 5.61 16.57
N TYR A 103 9.01 5.97 15.94
CA TYR A 103 7.67 5.61 16.41
C TYR A 103 6.84 5.05 15.27
N GLY A 104 6.20 3.92 15.52
CA GLY A 104 5.40 3.24 14.51
C GLY A 104 4.15 4.00 14.09
N ASP A 105 3.76 5.01 14.86
CA ASP A 105 2.61 5.87 14.51
C ASP A 105 3.01 7.19 13.85
N ALA A 106 4.29 7.34 13.50
CA ALA A 106 4.78 8.52 12.79
C ALA A 106 5.50 8.06 11.52
N PRO A 107 4.72 7.68 10.50
CA PRO A 107 5.23 6.91 9.36
C PRO A 107 5.95 7.66 8.23
N LEU A 108 5.88 8.98 8.20
CA LEU A 108 6.36 9.76 7.07
C LEU A 108 7.80 10.28 7.22
N ILE A 109 8.43 10.03 8.35
CA ILE A 109 9.82 10.47 8.55
C ILE A 109 10.74 9.89 7.45
N THR A 110 11.54 10.74 6.81
CA THR A 110 12.36 10.31 5.68
C THR A 110 13.79 9.98 6.09
N LYS A 111 14.41 9.13 5.29
CA LYS A 111 15.82 8.78 5.38
C LYS A 111 16.70 10.03 5.42
N GLU A 112 16.36 11.03 4.60
CA GLU A 112 17.20 12.23 4.47
C GLU A 112 17.22 13.06 5.75
N THR A 113 16.04 13.25 6.34
CA THR A 113 15.91 13.97 7.60
C THR A 113 16.67 13.25 8.72
N LEU A 114 16.56 11.93 8.77
CA LEU A 114 17.23 11.16 9.81
C LEU A 114 18.75 11.15 9.62
N GLU A 115 19.23 11.19 8.38
CA GLU A 115 20.67 11.29 8.11
C GLU A 115 21.22 12.63 8.60
N LYS A 116 20.45 13.70 8.42
CA LYS A 116 20.83 15.02 8.93
C LYS A 116 20.86 15.03 10.45
N LEU A 117 19.89 14.34 11.07
CA LEU A 117 19.82 14.27 12.52
C LEU A 117 21.03 13.53 13.06
N ILE A 118 21.37 12.42 12.42
CA ILE A 118 22.48 11.57 12.87
C ILE A 118 23.81 12.32 12.76
N GLU A 119 23.98 13.04 11.66
CA GLU A 119 25.18 13.83 11.38
C GLU A 119 25.36 14.97 12.39
N ALA A 120 24.24 15.47 12.93
CA ALA A 120 24.25 16.60 13.86
C ALA A 120 24.52 16.19 15.30
N LYS A 121 24.52 14.89 15.60
CA LYS A 121 24.72 14.42 16.95
C LYS A 121 26.18 14.65 17.37
N PRO A 122 26.40 15.34 18.50
CA PRO A 122 27.75 15.57 19.01
C PRO A 122 28.24 14.33 19.75
N GLU A 123 29.55 14.11 19.78
CA GLU A 123 30.13 12.97 20.49
C GLU A 123 29.67 12.95 21.94
N ASN A 124 29.23 11.78 22.40
CA ASN A 124 28.73 11.57 23.76
C ASN A 124 27.48 12.38 24.12
N GLY A 125 26.83 12.95 23.11
CA GLY A 125 25.66 13.77 23.30
C GLY A 125 24.43 13.22 22.59
N ILE A 126 23.45 14.10 22.38
CA ILE A 126 22.16 13.74 21.79
C ILE A 126 21.81 14.73 20.68
N ALA A 127 21.24 14.21 19.59
CA ALA A 127 20.53 15.02 18.61
C ALA A 127 19.05 14.68 18.69
N LEU A 128 18.19 15.69 18.65
CA LEU A 128 16.75 15.45 18.59
C LEU A 128 16.11 16.30 17.51
N LEU A 129 15.00 15.79 16.97
CA LEU A 129 14.22 16.50 15.97
C LEU A 129 13.13 17.28 16.66
N THR A 130 13.04 18.57 16.38
CA THR A 130 11.98 19.43 16.92
C THR A 130 11.22 20.06 15.78
N VAL A 131 10.10 20.69 16.11
CA VAL A 131 9.27 21.34 15.09
C VAL A 131 8.46 22.46 15.76
N ASN A 132 8.30 23.56 15.03
CA ASN A 132 7.50 24.69 15.50
C ASN A 132 6.06 24.52 15.07
N LEU A 133 5.14 24.60 16.02
CA LEU A 133 3.71 24.45 15.76
C LEU A 133 2.96 25.69 16.21
N ASP A 134 1.93 26.08 15.47
CA ASP A 134 1.06 27.18 15.90
C ASP A 134 0.31 26.78 17.17
N ASN A 135 -0.20 25.54 17.19
CA ASN A 135 -0.83 24.96 18.37
C ASN A 135 -0.03 23.75 18.87
N PRO A 136 0.85 23.97 19.86
CA PRO A 136 1.71 22.92 20.40
C PRO A 136 1.10 22.11 21.55
N THR A 137 -0.21 22.23 21.76
CA THR A 137 -0.87 21.53 22.85
C THR A 137 -0.70 20.02 22.70
N GLY A 138 -0.34 19.34 23.79
CA GLY A 138 -0.13 17.90 23.81
C GLY A 138 1.33 17.46 23.74
N TYR A 139 2.19 18.31 23.19
CA TYR A 139 3.57 17.95 22.88
C TYR A 139 4.56 18.48 23.92
N GLY A 140 5.67 17.76 24.10
CA GLY A 140 6.74 18.20 24.97
C GLY A 140 7.35 19.49 24.47
N ARG A 141 7.48 20.48 25.34
CA ARG A 141 8.04 21.77 24.97
C ARG A 141 9.55 21.76 25.09
N ILE A 142 10.22 22.35 24.10
CA ILE A 142 11.68 22.47 24.11
C ILE A 142 12.07 23.70 24.93
N ILE A 143 12.85 23.46 25.99
CA ILE A 143 13.34 24.51 26.87
C ILE A 143 14.78 24.85 26.47
N ARG A 144 14.99 26.11 26.07
CA ARG A 144 16.30 26.60 25.68
C ARG A 144 16.76 27.70 26.65
N GLU A 145 18.00 27.60 27.10
CA GLU A 145 18.67 28.64 27.87
C GLU A 145 19.88 29.13 27.09
N ASN A 146 19.90 30.43 26.77
CA ASN A 146 20.97 31.03 25.98
C ASN A 146 21.15 30.33 24.64
N GLY A 147 20.02 30.00 24.00
CA GLY A 147 20.02 29.35 22.71
C GLY A 147 20.15 27.82 22.71
N ASN A 148 20.67 27.23 23.79
CA ASN A 148 20.92 25.80 23.86
C ASN A 148 19.82 25.02 24.55
N VAL A 149 19.53 23.83 24.02
CA VAL A 149 18.50 22.97 24.59
C VAL A 149 19.01 22.35 25.86
N VAL A 150 18.25 22.50 26.94
CA VAL A 150 18.61 21.97 28.25
C VAL A 150 17.58 21.01 28.85
N ALA A 151 16.36 21.00 28.32
CA ALA A 151 15.31 20.11 28.82
C ALA A 151 14.12 20.05 27.89
N ILE A 152 13.29 19.03 28.11
CA ILE A 152 11.98 18.94 27.50
C ILE A 152 10.99 18.83 28.65
N VAL A 153 9.91 19.61 28.58
CA VAL A 153 8.87 19.56 29.59
C VAL A 153 7.55 19.18 28.93
N GLU A 154 6.97 18.08 29.40
CA GLU A 154 5.72 17.58 28.86
C GLU A 154 4.56 18.52 29.19
N GLN A 155 3.52 18.45 28.38
CA GLN A 155 2.31 19.26 28.51
C GLN A 155 1.73 19.23 29.93
N LYS A 156 1.61 18.03 30.50
CA LYS A 156 0.99 17.85 31.82
C LYS A 156 1.87 18.31 32.99
N ASP A 157 3.16 18.51 32.73
CA ASP A 157 4.13 18.96 33.73
C ASP A 157 4.51 20.46 33.60
N ALA A 158 4.03 21.11 32.55
CA ALA A 158 4.48 22.45 32.20
C ALA A 158 3.68 23.54 32.94
N ASN A 159 4.37 24.60 33.35
CA ASN A 159 3.73 25.80 33.89
C ASN A 159 3.18 26.66 32.76
N ALA A 160 2.44 27.72 33.13
CA ALA A 160 1.73 28.54 32.16
C ALA A 160 2.63 29.15 31.08
N GLU A 161 3.83 29.57 31.46
CA GLU A 161 4.79 30.18 30.55
C GLU A 161 5.33 29.19 29.53
N GLN A 162 5.65 27.99 30.02
CA GLN A 162 6.20 26.92 29.19
C GLN A 162 5.20 26.44 28.14
N LEU A 163 3.91 26.48 28.46
CA LEU A 163 2.87 26.12 27.51
C LEU A 163 2.81 27.05 26.30
N ASN A 164 3.31 28.28 26.43
CA ASN A 164 3.36 29.21 25.31
C ASN A 164 4.47 28.91 24.30
N ILE A 165 5.48 28.13 24.73
CA ILE A 165 6.54 27.68 23.84
C ILE A 165 5.98 26.92 22.64
N LYS A 166 6.40 27.31 21.45
CA LYS A 166 5.87 26.75 20.21
C LYS A 166 6.77 25.68 19.61
N GLU A 167 8.02 25.65 20.03
CA GLU A 167 8.93 24.58 19.62
C GLU A 167 8.67 23.32 20.45
N VAL A 168 8.40 22.22 19.78
CA VAL A 168 8.08 20.98 20.47
C VAL A 168 8.91 19.79 19.99
N ASN A 169 8.87 18.74 20.81
CA ASN A 169 9.61 17.51 20.59
C ASN A 169 8.82 16.63 19.63
N THR A 170 9.49 16.08 18.61
CA THR A 170 8.86 15.09 17.74
C THR A 170 8.95 13.68 18.32
N GLY A 171 9.78 13.50 19.33
CA GLY A 171 10.05 12.21 19.94
C GLY A 171 11.31 11.54 19.41
N VAL A 172 11.77 11.99 18.26
CA VAL A 172 12.84 11.31 17.54
C VAL A 172 14.18 11.84 18.06
N MET A 173 15.07 10.93 18.44
CA MET A 173 16.39 11.32 18.94
C MET A 173 17.42 10.25 18.62
N VAL A 174 18.69 10.65 18.68
CA VAL A 174 19.81 9.76 18.40
C VAL A 174 20.86 10.00 19.47
N SER A 175 21.37 8.90 20.00
CA SER A 175 22.54 8.94 20.88
C SER A 175 23.27 7.61 20.76
N ASP A 176 24.48 7.54 21.31
CA ASP A 176 25.22 6.28 21.27
C ASP A 176 24.69 5.29 22.30
N GLY A 177 24.91 3.99 22.06
CA GLY A 177 24.35 2.96 22.89
C GLY A 177 24.76 3.06 24.35
N ALA A 178 26.03 3.37 24.59
CA ALA A 178 26.53 3.49 25.96
C ALA A 178 25.83 4.61 26.72
N SER A 179 25.65 5.75 26.07
CA SER A 179 24.99 6.90 26.69
C SER A 179 23.53 6.59 27.00
N PHE A 180 22.85 5.89 26.08
CA PHE A 180 21.48 5.45 26.34
C PHE A 180 21.38 4.60 27.61
N LYS A 181 22.21 3.57 27.70
CA LYS A 181 22.20 2.71 28.90
C LYS A 181 22.41 3.51 30.18
N LYS A 182 23.39 4.40 30.14
CA LYS A 182 23.75 5.25 31.28
C LYS A 182 22.57 6.08 31.76
N TRP A 183 21.94 6.82 30.83
CA TRP A 183 20.88 7.76 31.17
C TRP A 183 19.53 7.09 31.47
N LEU A 184 19.22 6.00 30.76
CA LEU A 184 17.95 5.31 31.01
C LEU A 184 17.88 4.78 32.45
N ALA A 185 19.02 4.34 32.98
CA ALA A 185 19.10 3.85 34.36
C ALA A 185 18.82 4.94 35.40
N ARG A 186 18.99 6.20 35.00
CA ARG A 186 18.77 7.35 35.88
C ARG A 186 17.42 8.05 35.68
N VAL A 187 16.56 7.49 34.83
CA VAL A 187 15.22 8.02 34.63
C VAL A 187 14.29 7.50 35.70
N GLY A 188 13.55 8.41 36.34
CA GLY A 188 12.55 8.05 37.32
C GLY A 188 11.16 8.29 36.77
N ASN A 189 10.17 8.18 37.63
CA ASN A 189 8.78 8.41 37.21
C ASN A 189 8.05 9.38 38.14
N ASN A 190 8.80 10.34 38.69
CA ASN A 190 8.23 11.40 39.52
C ASN A 190 7.76 12.57 38.66
N ASN A 191 6.60 12.40 38.04
CA ASN A 191 5.98 13.44 37.22
C ASN A 191 4.46 13.27 37.23
N ALA A 192 3.75 14.12 36.51
CA ALA A 192 2.29 14.16 36.54
C ALA A 192 1.59 12.92 35.96
N GLN A 193 2.28 12.17 35.09
CA GLN A 193 1.71 10.96 34.50
C GLN A 193 2.18 9.68 35.20
N GLY A 194 3.17 9.79 36.10
CA GLY A 194 3.75 8.62 36.75
C GLY A 194 4.50 7.70 35.82
N GLU A 195 5.05 8.25 34.73
CA GLU A 195 5.70 7.47 33.69
C GLU A 195 7.19 7.75 33.63
N TYR A 196 7.95 6.78 33.13
CA TYR A 196 9.37 6.96 32.82
C TYR A 196 9.47 7.62 31.45
N TYR A 197 9.76 8.91 31.44
CA TYR A 197 9.81 9.73 30.22
C TYR A 197 11.15 9.60 29.51
N LEU A 198 11.14 9.21 28.24
CA LEU A 198 12.36 9.25 27.41
C LEU A 198 12.90 10.68 27.33
N THR A 199 12.02 11.66 27.42
CA THR A 199 12.37 13.08 27.31
C THR A 199 13.28 13.58 28.43
N ASP A 200 13.31 12.87 29.55
CA ASP A 200 14.22 13.22 30.65
C ASP A 200 15.69 13.03 30.28
N LEU A 201 15.97 12.26 29.23
CA LEU A 201 17.35 12.13 28.72
C LEU A 201 18.01 13.45 28.35
N ILE A 202 17.24 14.45 27.93
CA ILE A 202 17.81 15.74 27.54
C ILE A 202 18.43 16.45 28.77
N ALA A 203 17.63 16.59 29.83
CA ALA A 203 18.11 17.20 31.07
C ALA A 203 19.20 16.38 31.75
N LEU A 204 19.17 15.05 31.60
CA LEU A 204 20.20 14.18 32.16
C LEU A 204 21.52 14.38 31.44
N ALA A 205 21.45 14.51 30.12
CA ALA A 205 22.62 14.79 29.30
C ALA A 205 23.22 16.17 29.66
N ASN A 206 22.36 17.15 29.90
CA ASN A 206 22.80 18.47 30.30
C ASN A 206 23.51 18.42 31.67
N GLN A 207 23.00 17.57 32.56
CA GLN A 207 23.58 17.37 33.89
C GLN A 207 24.97 16.74 33.80
N ASP A 208 25.22 15.95 32.75
CA ASP A 208 26.52 15.32 32.52
C ASP A 208 27.47 16.22 31.71
N ASN A 209 27.08 17.48 31.50
CA ASN A 209 27.82 18.39 30.63
C ASN A 209 28.04 17.84 29.22
N CYS A 210 27.04 17.10 28.73
CA CYS A 210 27.05 16.58 27.37
C CYS A 210 26.14 17.44 26.53
N GLN A 211 26.45 17.53 25.24
CA GLN A 211 25.81 18.47 24.34
C GLN A 211 24.52 17.91 23.77
N VAL A 212 23.51 18.77 23.64
CA VAL A 212 22.22 18.41 23.06
C VAL A 212 21.97 19.37 21.90
N VAL A 213 21.80 18.81 20.70
CA VAL A 213 21.55 19.60 19.50
C VAL A 213 20.16 19.27 18.98
N ALA A 214 19.34 20.29 18.76
CA ALA A 214 18.05 20.12 18.10
C ALA A 214 18.19 20.45 16.62
N VAL A 215 17.67 19.56 15.77
CA VAL A 215 17.52 19.82 14.35
C VAL A 215 16.06 20.14 14.14
N GLN A 216 15.78 21.33 13.64
CA GLN A 216 14.42 21.77 13.40
C GLN A 216 13.94 21.22 12.05
N ALA A 217 12.90 20.38 12.07
CA ALA A 217 12.31 19.85 10.85
C ALA A 217 11.53 20.95 10.15
N THR A 218 11.71 21.10 8.84
CA THR A 218 11.04 22.17 8.08
C THR A 218 9.71 21.74 7.45
N ASP A 219 9.52 20.44 7.32
CA ASP A 219 8.26 19.89 6.82
C ASP A 219 7.51 19.29 8.00
N VAL A 220 6.49 20.00 8.45
CA VAL A 220 5.74 19.64 9.65
C VAL A 220 5.02 18.28 9.53
N MET A 221 4.42 18.02 8.37
CA MET A 221 3.69 16.75 8.17
C MET A 221 4.62 15.55 8.23
N GLU A 222 5.86 15.73 7.77
CA GLU A 222 6.83 14.64 7.78
C GLU A 222 6.98 14.00 9.16
N VAL A 223 6.92 14.80 10.21
CA VAL A 223 7.18 14.35 11.58
C VAL A 223 5.92 14.16 12.41
N GLU A 224 4.77 14.29 11.78
CA GLU A 224 3.50 14.18 12.46
C GLU A 224 3.15 12.70 12.74
N GLY A 225 2.58 12.46 13.91
CA GLY A 225 2.09 11.15 14.29
C GLY A 225 0.59 11.11 14.11
N ALA A 226 0.01 9.92 14.12
CA ALA A 226 -1.44 9.76 14.00
C ALA A 226 -1.96 9.13 15.28
N ASN A 227 -2.75 9.90 16.01
CA ASN A 227 -3.46 9.42 17.21
C ASN A 227 -4.91 9.01 16.91
N ASN A 228 -5.46 9.49 15.80
CA ASN A 228 -6.81 9.16 15.42
C ASN A 228 -6.90 9.08 13.89
N ARG A 229 -8.05 8.71 13.35
CA ARG A 229 -8.16 8.46 11.91
C ARG A 229 -8.22 9.75 11.09
N LEU A 230 -8.61 10.85 11.72
CA LEU A 230 -8.56 12.16 11.07
C LEU A 230 -7.11 12.56 10.75
N GLN A 231 -6.25 12.43 11.75
CA GLN A 231 -4.81 12.64 11.56
C GLN A 231 -4.25 11.66 10.55
N LEU A 232 -4.65 10.38 10.65
CA LEU A 232 -4.20 9.40 9.67
C LEU A 232 -4.59 9.80 8.22
N ALA A 233 -5.80 10.29 8.02
CA ALA A 233 -6.24 10.69 6.69
C ALA A 233 -5.39 11.85 6.16
N ALA A 234 -5.01 12.77 7.04
CA ALA A 234 -4.12 13.87 6.68
C ALA A 234 -2.76 13.36 6.24
N LEU A 235 -2.23 12.36 6.94
CA LEU A 235 -0.98 11.73 6.54
C LEU A 235 -1.11 11.03 5.17
N GLU A 236 -2.22 10.35 4.96
CA GLU A 236 -2.48 9.63 3.70
C GLU A 236 -2.45 10.60 2.52
N ARG A 237 -3.13 11.73 2.68
CA ARG A 237 -3.23 12.71 1.59
C ARG A 237 -1.86 13.32 1.29
N TYR A 238 -1.10 13.61 2.34
CA TYR A 238 0.25 14.14 2.19
C TYR A 238 1.12 13.14 1.44
N PHE A 239 1.07 11.88 1.84
CA PHE A 239 1.86 10.82 1.22
C PHE A 239 1.49 10.58 -0.25
N GLN A 240 0.19 10.56 -0.54
CA GLN A 240 -0.27 10.36 -1.92
C GLN A 240 0.13 11.53 -2.81
N ASN A 241 0.05 12.75 -2.30
CA ASN A 241 0.52 13.91 -3.04
C ASN A 241 2.00 13.81 -3.35
N LYS A 242 2.79 13.41 -2.37
CA LYS A 242 4.23 13.22 -2.56
C LYS A 242 4.53 12.17 -3.64
N GLN A 243 3.81 11.05 -3.63
CA GLN A 243 4.01 9.98 -4.60
C GLN A 243 3.64 10.42 -6.00
N ALA A 244 2.51 11.09 -6.10
CA ALA A 244 2.03 11.60 -7.39
C ALA A 244 2.99 12.64 -7.95
N SER A 245 3.54 13.52 -7.11
CA SER A 245 4.48 14.54 -7.54
C SER A 245 5.74 13.90 -8.09
N LYS A 246 6.22 12.85 -7.46
CA LYS A 246 7.40 12.12 -7.94
C LYS A 246 7.15 11.52 -9.33
N LEU A 247 5.97 10.92 -9.52
CA LEU A 247 5.63 10.30 -10.79
C LEU A 247 5.49 11.33 -11.91
N LEU A 248 4.88 12.46 -11.60
CA LEU A 248 4.76 13.57 -12.53
C LEU A 248 6.13 14.08 -13.00
N LEU A 249 7.05 14.25 -12.06
CA LEU A 249 8.40 14.68 -12.41
C LEU A 249 9.17 13.63 -13.22
N GLU A 250 8.82 12.36 -13.04
CA GLU A 250 9.38 11.27 -13.85
C GLU A 250 8.76 11.15 -15.25
N GLY A 251 7.71 11.93 -15.53
CA GLY A 251 7.13 11.99 -16.85
C GLY A 251 5.79 11.26 -17.03
N VAL A 252 5.16 10.85 -15.93
CA VAL A 252 3.82 10.26 -15.97
C VAL A 252 2.79 11.39 -15.96
N MET A 253 1.88 11.41 -16.93
CA MET A 253 0.81 12.41 -16.96
C MET A 253 -0.31 11.94 -16.04
N ILE A 254 -0.35 12.49 -14.83
CA ILE A 254 -1.46 12.24 -13.91
C ILE A 254 -2.35 13.48 -13.99
N TYR A 255 -3.54 13.33 -14.54
CA TYR A 255 -4.41 14.47 -14.86
C TYR A 255 -4.73 15.31 -13.62
N ASP A 256 -4.97 14.64 -12.50
CA ASP A 256 -5.17 15.33 -11.23
C ASP A 256 -4.50 14.54 -10.09
N PRO A 257 -3.36 15.02 -9.61
CA PRO A 257 -2.65 14.33 -8.52
C PRO A 257 -3.46 14.21 -7.22
N ALA A 258 -4.46 15.05 -7.01
CA ALA A 258 -5.34 14.93 -5.83
C ALA A 258 -6.39 13.82 -5.97
N ARG A 259 -6.56 13.29 -7.17
CA ARG A 259 -7.46 12.16 -7.44
C ARG A 259 -6.69 11.01 -8.03
N PHE A 260 -5.62 10.63 -7.36
CA PHE A 260 -4.81 9.52 -7.76
C PHE A 260 -4.35 8.82 -6.48
N ASP A 261 -4.36 7.50 -6.49
CA ASP A 261 -3.90 6.73 -5.33
C ASP A 261 -2.97 5.60 -5.75
N LEU A 262 -1.80 5.56 -5.13
CA LEU A 262 -0.85 4.45 -5.30
C LEU A 262 -0.67 3.77 -3.94
N ARG A 263 -0.94 2.46 -3.92
CA ARG A 263 -0.90 1.65 -2.71
C ARG A 263 -0.03 0.45 -3.03
N GLY A 264 1.25 0.72 -3.24
CA GLY A 264 2.22 -0.27 -3.64
C GLY A 264 3.32 0.38 -4.47
N THR A 265 3.68 -0.26 -5.58
CA THR A 265 4.76 0.22 -6.44
C THR A 265 4.29 0.30 -7.88
N LEU A 266 4.74 1.33 -8.58
CA LEU A 266 4.44 1.54 -9.98
C LEU A 266 5.73 1.65 -10.79
N GLU A 267 5.92 0.74 -11.72
CA GLU A 267 6.97 0.84 -12.74
C GLU A 267 6.30 1.32 -14.00
N HIS A 268 6.90 2.29 -14.70
CA HIS A 268 6.26 2.92 -15.84
C HIS A 268 7.25 3.22 -16.96
N GLY A 269 6.73 3.22 -18.18
CA GLY A 269 7.46 3.67 -19.35
C GLY A 269 7.23 5.15 -19.56
N LYS A 270 7.45 5.60 -20.78
CA LYS A 270 7.27 7.00 -21.15
C LYS A 270 5.88 7.24 -21.76
N ASP A 271 5.41 8.47 -21.63
CA ASP A 271 4.13 8.91 -22.21
C ASP A 271 2.93 8.11 -21.68
N VAL A 272 3.02 7.68 -20.44
CA VAL A 272 1.89 7.08 -19.73
C VAL A 272 0.93 8.18 -19.29
N GLU A 273 -0.36 7.95 -19.49
CA GLU A 273 -1.40 8.92 -19.13
C GLU A 273 -2.40 8.25 -18.20
N ILE A 274 -2.65 8.87 -17.04
CA ILE A 274 -3.55 8.32 -16.05
C ILE A 274 -4.60 9.36 -15.71
N ASP A 275 -5.86 9.06 -16.02
CA ASP A 275 -6.94 9.98 -15.82
C ASP A 275 -7.34 9.97 -14.35
N VAL A 276 -8.34 10.78 -14.03
CA VAL A 276 -8.71 11.05 -12.65
C VAL A 276 -9.38 9.83 -12.02
N ASN A 277 -9.18 9.66 -10.72
CA ASN A 277 -9.77 8.59 -9.93
C ASN A 277 -9.31 7.19 -10.33
N VAL A 278 -8.01 7.02 -10.43
CA VAL A 278 -7.42 5.73 -10.66
C VAL A 278 -6.73 5.29 -9.37
N ILE A 279 -6.84 3.99 -9.06
CA ILE A 279 -6.16 3.39 -7.93
C ILE A 279 -5.23 2.29 -8.43
N ILE A 280 -3.95 2.38 -8.04
CA ILE A 280 -2.93 1.42 -8.41
C ILE A 280 -2.53 0.71 -7.11
N GLU A 281 -2.68 -0.61 -7.06
CA GLU A 281 -2.44 -1.39 -5.84
C GLU A 281 -1.45 -2.51 -6.11
N GLY A 282 -0.70 -2.90 -5.09
CA GLY A 282 0.27 -3.95 -5.26
C GLY A 282 1.38 -3.52 -6.20
N ASN A 283 1.91 -4.48 -6.95
CA ASN A 283 3.01 -4.23 -7.86
C ASN A 283 2.47 -4.12 -9.28
N VAL A 284 2.53 -2.93 -9.85
CA VAL A 284 1.98 -2.68 -11.18
C VAL A 284 3.09 -2.18 -12.11
N LYS A 285 3.11 -2.71 -13.32
CA LYS A 285 4.07 -2.30 -14.33
C LYS A 285 3.30 -1.87 -15.56
N LEU A 286 3.59 -0.67 -16.04
CA LEU A 286 2.95 -0.09 -17.22
C LEU A 286 4.02 0.21 -18.27
N GLY A 287 3.77 -0.19 -19.51
CA GLY A 287 4.75 0.03 -20.57
C GLY A 287 4.63 1.43 -21.12
N ASP A 288 5.29 1.70 -22.24
CA ASP A 288 5.22 3.00 -22.88
C ASP A 288 3.84 3.26 -23.48
N ARG A 289 3.36 4.49 -23.32
CA ARG A 289 2.16 5.00 -23.98
C ARG A 289 0.90 4.28 -23.53
N VAL A 290 0.92 3.73 -22.33
CA VAL A 290 -0.28 3.16 -21.72
C VAL A 290 -1.18 4.31 -21.30
N LYS A 291 -2.48 4.19 -21.62
CA LYS A 291 -3.47 5.18 -21.23
C LYS A 291 -4.51 4.50 -20.34
N ILE A 292 -4.73 5.06 -19.14
CA ILE A 292 -5.69 4.53 -18.19
C ILE A 292 -6.81 5.56 -18.00
N GLY A 293 -8.03 5.16 -18.31
CA GLY A 293 -9.18 6.03 -18.22
C GLY A 293 -9.67 6.16 -16.79
N THR A 294 -10.67 7.02 -16.63
CA THR A 294 -11.13 7.40 -15.32
C THR A 294 -11.77 6.21 -14.60
N GLY A 295 -11.55 6.13 -13.29
CA GLY A 295 -12.24 5.16 -12.47
C GLY A 295 -11.61 3.77 -12.42
N CYS A 296 -10.48 3.55 -13.08
CA CYS A 296 -9.90 2.21 -13.14
C CYS A 296 -9.18 1.81 -11.85
N VAL A 297 -9.18 0.51 -11.57
CA VAL A 297 -8.49 -0.09 -10.43
C VAL A 297 -7.59 -1.18 -10.99
N LEU A 298 -6.28 -1.04 -10.77
CA LEU A 298 -5.29 -1.99 -11.23
C LEU A 298 -4.56 -2.51 -10.01
N LYS A 299 -4.62 -3.81 -9.79
CA LYS A 299 -3.96 -4.42 -8.63
C LYS A 299 -3.12 -5.58 -9.11
N ASN A 300 -1.79 -5.49 -8.97
CA ASN A 300 -0.91 -6.57 -9.35
C ASN A 300 -1.05 -6.96 -10.82
N VAL A 301 -0.78 -6.01 -11.70
CA VAL A 301 -0.90 -6.25 -13.13
C VAL A 301 0.33 -5.81 -13.91
N VAL A 302 0.52 -6.43 -15.07
CA VAL A 302 1.53 -6.05 -16.02
C VAL A 302 0.84 -5.69 -17.31
N ILE A 303 1.03 -4.45 -17.74
CA ILE A 303 0.39 -3.90 -18.93
C ILE A 303 1.46 -3.52 -19.95
N GLY A 304 1.36 -4.06 -21.16
CA GLY A 304 2.35 -3.85 -22.20
C GLY A 304 2.23 -2.48 -22.83
N ASN A 305 3.16 -2.19 -23.74
CA ASN A 305 3.19 -0.93 -24.47
C ASN A 305 1.90 -0.69 -25.26
N ASP A 306 1.46 0.57 -25.31
CA ASP A 306 0.39 1.00 -26.19
C ASP A 306 -0.99 0.44 -25.85
N VAL A 307 -1.18 -0.02 -24.62
CA VAL A 307 -2.49 -0.51 -24.19
C VAL A 307 -3.34 0.67 -23.74
N GLU A 308 -4.62 0.66 -24.14
CA GLU A 308 -5.59 1.60 -23.60
C GLU A 308 -6.59 0.85 -22.73
N ILE A 309 -6.71 1.28 -21.49
CA ILE A 309 -7.71 0.79 -20.56
C ILE A 309 -8.77 1.88 -20.44
N LYS A 310 -9.96 1.59 -20.90
CA LYS A 310 -11.05 2.56 -20.94
C LYS A 310 -11.73 2.61 -19.55
N PRO A 311 -12.53 3.63 -19.30
CA PRO A 311 -13.05 3.90 -17.95
C PRO A 311 -13.73 2.73 -17.23
N TYR A 312 -13.63 2.75 -15.90
CA TYR A 312 -14.37 1.82 -15.03
C TYR A 312 -14.02 0.37 -15.35
N SER A 313 -12.72 0.12 -15.54
CA SER A 313 -12.23 -1.25 -15.65
C SER A 313 -11.49 -1.62 -14.35
N VAL A 314 -11.71 -2.85 -13.89
CA VAL A 314 -11.09 -3.36 -12.67
C VAL A 314 -10.29 -4.59 -13.04
N LEU A 315 -8.98 -4.57 -12.75
CA LEU A 315 -8.04 -5.60 -13.17
C LEU A 315 -7.22 -6.05 -11.99
N GLU A 316 -7.09 -7.36 -11.80
CA GLU A 316 -6.29 -7.90 -10.70
C GLU A 316 -5.53 -9.14 -11.13
N ASP A 317 -4.24 -9.20 -10.79
CA ASP A 317 -3.42 -10.40 -10.98
C ASP A 317 -3.48 -10.89 -12.44
N SER A 318 -3.26 -9.94 -13.35
CA SER A 318 -3.51 -10.15 -14.75
C SER A 318 -2.35 -9.59 -15.58
N ILE A 319 -2.20 -10.12 -16.78
CA ILE A 319 -1.17 -9.66 -17.72
C ILE A 319 -1.86 -9.28 -19.02
N VAL A 320 -1.50 -8.13 -19.59
CA VAL A 320 -2.09 -7.62 -20.82
C VAL A 320 -0.98 -7.28 -21.80
N GLY A 321 -1.03 -7.84 -23.00
CA GLY A 321 0.02 -7.70 -24.00
C GLY A 321 -0.10 -6.39 -24.75
N GLU A 322 0.90 -6.10 -25.57
CA GLU A 322 0.98 -4.81 -26.24
C GLU A 322 -0.19 -4.56 -27.18
N LYS A 323 -0.60 -3.31 -27.27
CA LYS A 323 -1.65 -2.83 -28.18
C LYS A 323 -3.04 -3.43 -27.91
N ALA A 324 -3.21 -4.07 -26.75
CA ALA A 324 -4.54 -4.52 -26.36
C ALA A 324 -5.44 -3.33 -26.02
N ALA A 325 -6.74 -3.58 -26.06
CA ALA A 325 -7.74 -2.58 -25.71
C ALA A 325 -8.70 -3.22 -24.72
N ILE A 326 -8.85 -2.60 -23.56
CA ILE A 326 -9.68 -3.11 -22.48
C ILE A 326 -10.68 -2.06 -22.05
N GLY A 327 -11.92 -2.46 -21.77
CA GLY A 327 -12.90 -1.54 -21.22
C GLY A 327 -13.74 -0.85 -22.29
N PRO A 328 -14.66 0.02 -21.86
CA PRO A 328 -14.92 0.33 -20.45
C PRO A 328 -15.71 -0.78 -19.76
N PHE A 329 -15.83 -0.74 -18.44
CA PHE A 329 -16.61 -1.73 -17.70
C PHE A 329 -16.14 -3.17 -17.92
N SER A 330 -14.82 -3.38 -17.98
CA SER A 330 -14.27 -4.72 -18.12
C SER A 330 -13.74 -5.16 -16.75
N ARG A 331 -13.80 -6.46 -16.50
CA ARG A 331 -13.34 -7.06 -15.26
C ARG A 331 -12.35 -8.18 -15.59
N LEU A 332 -11.11 -8.00 -15.19
CA LEU A 332 -10.11 -9.06 -15.29
C LEU A 332 -9.84 -9.55 -13.87
N ARG A 333 -10.14 -10.83 -13.63
CA ARG A 333 -9.93 -11.44 -12.33
C ARG A 333 -8.61 -12.20 -12.39
N PRO A 334 -8.08 -12.62 -11.24
CA PRO A 334 -6.77 -13.28 -11.21
C PRO A 334 -6.59 -14.40 -12.22
N GLY A 335 -5.42 -14.39 -12.86
CA GLY A 335 -5.06 -15.37 -13.85
C GLY A 335 -5.49 -15.03 -15.26
N ALA A 336 -6.04 -13.83 -15.46
CA ALA A 336 -6.38 -13.41 -16.81
C ALA A 336 -5.10 -13.01 -17.52
N GLU A 337 -4.85 -13.61 -18.67
CA GLU A 337 -3.67 -13.32 -19.48
C GLU A 337 -4.12 -13.02 -20.91
N LEU A 338 -4.02 -11.75 -21.30
CA LEU A 338 -4.44 -11.29 -22.61
C LEU A 338 -3.22 -11.01 -23.46
N ALA A 339 -3.17 -11.65 -24.62
CA ALA A 339 -2.06 -11.49 -25.55
C ALA A 339 -2.15 -10.12 -26.23
N ALA A 340 -1.15 -9.83 -27.05
CA ALA A 340 -1.11 -8.60 -27.82
C ALA A 340 -2.32 -8.47 -28.73
N GLU A 341 -2.76 -7.22 -28.92
CA GLU A 341 -3.79 -6.86 -29.89
C GLU A 341 -5.15 -7.50 -29.60
N THR A 342 -5.37 -7.88 -28.35
CA THR A 342 -6.67 -8.39 -27.93
C THR A 342 -7.63 -7.25 -27.63
N HIS A 343 -8.90 -7.58 -27.56
CA HIS A 343 -9.97 -6.61 -27.28
C HIS A 343 -10.92 -7.23 -26.27
N VAL A 344 -11.11 -6.57 -25.13
CA VAL A 344 -12.07 -6.97 -24.10
C VAL A 344 -12.96 -5.77 -23.83
N GLY A 345 -14.27 -5.98 -23.89
CA GLY A 345 -15.22 -4.87 -23.93
C GLY A 345 -16.11 -4.80 -22.71
N ASN A 346 -17.21 -4.07 -22.86
CA ASN A 346 -18.06 -3.77 -21.72
C ASN A 346 -18.85 -4.93 -21.16
N PHE A 347 -18.89 -5.01 -19.85
CA PHE A 347 -19.63 -6.03 -19.12
C PHE A 347 -19.11 -7.43 -19.47
N VAL A 348 -17.79 -7.54 -19.52
CA VAL A 348 -17.09 -8.77 -19.78
C VAL A 348 -16.24 -9.07 -18.54
N GLU A 349 -16.28 -10.31 -18.10
CA GLU A 349 -15.52 -10.81 -16.96
C GLU A 349 -14.64 -11.93 -17.48
N ILE A 350 -13.32 -11.82 -17.27
CA ILE A 350 -12.38 -12.89 -17.61
C ILE A 350 -11.65 -13.35 -16.34
N LYS A 351 -11.68 -14.66 -16.07
CA LYS A 351 -11.09 -15.23 -14.86
C LYS A 351 -10.23 -16.44 -15.23
N LYS A 352 -8.99 -16.45 -14.76
CA LYS A 352 -8.08 -17.60 -14.93
C LYS A 352 -8.17 -18.18 -16.34
N SER A 353 -7.91 -17.33 -17.32
CA SER A 353 -8.01 -17.71 -18.73
C SER A 353 -6.94 -17.02 -19.53
N THR A 354 -6.47 -17.69 -20.58
CA THR A 354 -5.57 -17.08 -21.55
C THR A 354 -6.34 -16.80 -22.84
N VAL A 355 -6.05 -15.65 -23.44
CA VAL A 355 -6.73 -15.19 -24.65
C VAL A 355 -5.65 -14.78 -25.65
N GLY A 356 -5.59 -15.47 -26.78
CA GLY A 356 -4.53 -15.30 -27.75
C GLY A 356 -4.63 -14.08 -28.62
N LYS A 357 -3.54 -13.83 -29.34
CA LYS A 357 -3.34 -12.61 -30.10
C LYS A 357 -4.48 -12.29 -31.06
N GLY A 358 -4.97 -11.06 -30.99
CA GLY A 358 -5.99 -10.61 -31.93
C GLY A 358 -7.42 -10.99 -31.60
N SER A 359 -7.62 -11.79 -30.54
CA SER A 359 -8.96 -12.26 -30.20
C SER A 359 -9.80 -11.16 -29.59
N LYS A 360 -11.12 -11.23 -29.80
CA LYS A 360 -12.03 -10.25 -29.24
C LYS A 360 -13.12 -10.89 -28.38
N VAL A 361 -13.39 -10.25 -27.25
CA VAL A 361 -14.44 -10.63 -26.31
C VAL A 361 -15.12 -9.32 -25.90
N ASN A 362 -16.05 -8.83 -26.70
CA ASN A 362 -16.45 -7.43 -26.61
C ASN A 362 -17.72 -7.11 -25.83
N HIS A 363 -18.53 -8.11 -25.46
CA HIS A 363 -19.72 -7.76 -24.69
C HIS A 363 -20.39 -8.88 -23.87
N LEU A 364 -20.77 -8.52 -22.64
CA LEU A 364 -21.75 -9.28 -21.89
C LEU A 364 -21.41 -10.78 -21.81
N THR A 365 -20.16 -11.06 -21.44
CA THR A 365 -19.60 -12.41 -21.54
C THR A 365 -18.84 -12.77 -20.28
N TYR A 366 -18.91 -14.05 -19.91
CA TYR A 366 -18.05 -14.60 -18.87
C TYR A 366 -17.20 -15.70 -19.48
N VAL A 367 -15.88 -15.55 -19.31
CA VAL A 367 -14.90 -16.57 -19.72
C VAL A 367 -14.07 -16.90 -18.49
N GLY A 368 -14.20 -18.14 -18.02
CA GLY A 368 -13.45 -18.62 -16.88
C GLY A 368 -12.78 -19.96 -17.16
N ASP A 369 -11.60 -20.17 -16.59
CA ASP A 369 -10.86 -21.43 -16.70
C ASP A 369 -10.73 -21.91 -18.14
N SER A 370 -10.38 -21.00 -19.02
CA SER A 370 -10.41 -21.24 -20.45
C SER A 370 -9.07 -20.92 -21.09
N GLU A 371 -8.80 -21.57 -22.21
CA GLU A 371 -7.71 -21.18 -23.07
C GLU A 371 -8.33 -20.85 -24.42
N ILE A 372 -8.10 -19.63 -24.91
CA ILE A 372 -8.62 -19.19 -26.18
C ILE A 372 -7.44 -18.80 -27.05
N GLY A 373 -7.45 -19.28 -28.29
CA GLY A 373 -6.34 -19.07 -29.21
C GLY A 373 -6.36 -17.70 -29.85
N SER A 374 -5.65 -17.58 -30.97
CA SER A 374 -5.47 -16.30 -31.65
C SER A 374 -6.59 -16.06 -32.65
N ASN A 375 -6.92 -14.80 -32.86
CA ASN A 375 -7.89 -14.37 -33.85
C ASN A 375 -9.28 -15.03 -33.75
N CYS A 376 -9.72 -15.24 -32.51
CA CYS A 376 -11.06 -15.72 -32.24
C CYS A 376 -12.02 -14.57 -32.05
N ASN A 377 -13.29 -14.86 -32.31
CA ASN A 377 -14.39 -13.92 -32.18
C ASN A 377 -15.37 -14.51 -31.20
N ILE A 378 -15.31 -14.04 -29.97
CA ILE A 378 -16.18 -14.53 -28.91
C ILE A 378 -17.36 -13.59 -28.82
N GLY A 379 -18.52 -14.10 -29.21
CA GLY A 379 -19.70 -13.28 -29.36
C GLY A 379 -20.27 -12.75 -28.05
N ALA A 380 -21.15 -11.77 -28.18
CA ALA A 380 -21.87 -11.24 -27.04
C ALA A 380 -22.70 -12.33 -26.35
N GLY A 381 -22.77 -12.27 -25.04
CA GLY A 381 -23.58 -13.19 -24.26
C GLY A 381 -23.01 -14.60 -24.10
N VAL A 382 -21.77 -14.83 -24.55
CA VAL A 382 -21.15 -16.16 -24.41
C VAL A 382 -20.79 -16.40 -22.94
N ILE A 383 -21.01 -17.61 -22.47
CA ILE A 383 -20.71 -17.99 -21.10
C ILE A 383 -20.02 -19.35 -21.05
N THR A 384 -18.91 -19.45 -20.32
CA THR A 384 -18.32 -20.75 -19.99
C THR A 384 -18.93 -21.20 -18.67
N CYS A 385 -19.40 -22.44 -18.62
CA CYS A 385 -20.03 -22.94 -17.42
C CYS A 385 -19.66 -24.39 -17.17
N ASN A 386 -20.15 -24.92 -16.05
CA ASN A 386 -19.87 -26.28 -15.65
C ASN A 386 -21.15 -27.02 -15.34
N TYR A 387 -21.03 -28.35 -15.31
CA TYR A 387 -22.09 -29.18 -14.73
C TYR A 387 -22.13 -28.92 -13.23
N ASP A 388 -23.28 -29.22 -12.64
CA ASP A 388 -23.41 -29.25 -11.20
C ASP A 388 -22.65 -30.49 -10.69
N GLY A 389 -21.34 -30.34 -10.48
CA GLY A 389 -20.48 -31.45 -10.10
C GLY A 389 -19.63 -31.06 -8.91
N ALA A 390 -18.39 -31.56 -8.88
CA ALA A 390 -17.39 -31.12 -7.91
C ALA A 390 -16.56 -29.98 -8.54
N ASN A 391 -15.25 -30.20 -8.73
CA ASN A 391 -14.37 -29.16 -9.29
C ASN A 391 -14.80 -28.64 -10.66
N LYS A 392 -14.09 -27.59 -11.10
CA LYS A 392 -14.44 -26.74 -12.24
C LYS A 392 -13.46 -26.85 -13.45
N PHE A 393 -13.96 -27.41 -14.54
CA PHE A 393 -13.11 -27.84 -15.62
C PHE A 393 -12.87 -26.78 -16.70
N LYS A 394 -12.05 -27.13 -17.68
CA LYS A 394 -11.54 -26.16 -18.64
C LYS A 394 -12.23 -26.22 -19.97
N THR A 395 -12.34 -25.06 -20.61
CA THR A 395 -12.80 -24.89 -21.97
C THR A 395 -11.59 -24.52 -22.80
N ILE A 396 -11.32 -25.28 -23.84
CA ILE A 396 -10.17 -25.02 -24.71
C ILE A 396 -10.68 -24.67 -26.09
N ILE A 397 -10.40 -23.46 -26.54
CA ILE A 397 -10.78 -22.99 -27.86
C ILE A 397 -9.49 -22.72 -28.67
N GLY A 398 -9.44 -23.25 -29.89
CA GLY A 398 -8.26 -23.10 -30.72
C GLY A 398 -8.15 -21.73 -31.36
N ASP A 399 -7.40 -21.66 -32.47
CA ASP A 399 -7.21 -20.44 -33.23
C ASP A 399 -8.33 -20.25 -34.24
N ASP A 400 -8.64 -19.00 -34.57
CA ASP A 400 -9.57 -18.66 -35.63
C ASP A 400 -10.96 -19.29 -35.48
N VAL A 401 -11.45 -19.34 -34.25
CA VAL A 401 -12.77 -19.83 -33.93
C VAL A 401 -13.78 -18.68 -33.80
N PHE A 402 -14.95 -18.87 -34.40
CA PHE A 402 -16.09 -17.97 -34.24
C PHE A 402 -17.09 -18.63 -33.28
N VAL A 403 -17.36 -17.97 -32.15
CA VAL A 403 -18.38 -18.44 -31.20
C VAL A 403 -19.54 -17.47 -31.24
N GLY A 404 -20.67 -17.93 -31.77
CA GLY A 404 -21.85 -17.12 -31.94
C GLY A 404 -22.42 -16.62 -30.63
N SER A 405 -23.17 -15.52 -30.71
CA SER A 405 -23.77 -14.89 -29.54
C SER A 405 -24.64 -15.82 -28.71
N ASP A 406 -24.55 -15.66 -27.39
CA ASP A 406 -25.39 -16.38 -26.44
C ASP A 406 -25.13 -17.89 -26.41
N THR A 407 -23.93 -18.29 -26.78
CA THR A 407 -23.59 -19.70 -26.73
C THR A 407 -23.08 -20.03 -25.33
N GLN A 408 -23.49 -21.19 -24.81
CA GLN A 408 -22.94 -21.72 -23.56
C GLN A 408 -21.95 -22.81 -23.89
N LEU A 409 -20.74 -22.67 -23.35
CA LEU A 409 -19.67 -23.63 -23.53
C LEU A 409 -19.57 -24.39 -22.21
N VAL A 410 -19.95 -25.66 -22.23
CA VAL A 410 -20.07 -26.46 -21.02
C VAL A 410 -18.80 -27.30 -20.84
N ALA A 411 -17.95 -26.87 -19.92
CA ALA A 411 -16.69 -27.56 -19.66
C ALA A 411 -16.92 -28.94 -19.03
N PRO A 412 -16.02 -29.90 -19.21
CA PRO A 412 -14.83 -29.79 -20.05
C PRO A 412 -15.17 -29.98 -21.52
N VAL A 413 -14.66 -29.08 -22.36
CA VAL A 413 -14.92 -29.17 -23.79
C VAL A 413 -13.82 -28.48 -24.57
N LYS A 414 -13.56 -28.99 -25.78
CA LYS A 414 -12.55 -28.47 -26.69
C LYS A 414 -13.20 -28.11 -28.02
N VAL A 415 -12.80 -26.98 -28.59
CA VAL A 415 -13.26 -26.49 -29.88
C VAL A 415 -12.00 -26.26 -30.70
N ALA A 416 -11.81 -27.03 -31.77
CA ALA A 416 -10.55 -27.01 -32.53
C ALA A 416 -10.47 -25.83 -33.49
N ASN A 417 -9.28 -25.62 -34.07
CA ASN A 417 -9.02 -24.47 -34.95
C ASN A 417 -10.05 -24.33 -36.05
N GLY A 418 -10.47 -23.10 -36.32
CA GLY A 418 -11.29 -22.81 -37.49
C GLY A 418 -12.77 -23.13 -37.38
N ALA A 419 -13.17 -23.66 -36.23
CA ALA A 419 -14.57 -24.01 -36.01
C ALA A 419 -15.48 -22.78 -35.93
N THR A 420 -16.74 -22.99 -36.26
CA THR A 420 -17.75 -21.95 -36.29
C THR A 420 -18.97 -22.42 -35.52
N ILE A 421 -19.40 -21.64 -34.54
CA ILE A 421 -20.53 -22.02 -33.71
C ILE A 421 -21.63 -20.95 -33.85
N GLY A 422 -22.81 -21.39 -34.25
CA GLY A 422 -23.94 -20.51 -34.40
C GLY A 422 -24.42 -19.93 -33.09
N ALA A 423 -25.17 -18.84 -33.19
CA ALA A 423 -25.75 -18.18 -32.02
C ALA A 423 -26.73 -19.11 -31.33
N GLY A 424 -26.80 -18.98 -30.01
CA GLY A 424 -27.79 -19.66 -29.21
C GLY A 424 -27.52 -21.13 -28.99
N THR A 425 -26.28 -21.55 -29.17
CA THR A 425 -25.91 -22.96 -29.12
C THR A 425 -25.49 -23.37 -27.71
N THR A 426 -25.74 -24.63 -27.35
CA THR A 426 -25.21 -25.21 -26.13
C THR A 426 -24.18 -26.26 -26.53
N ILE A 427 -22.91 -25.97 -26.27
CA ILE A 427 -21.81 -26.84 -26.67
C ILE A 427 -21.40 -27.70 -25.49
N THR A 428 -21.66 -29.00 -25.60
CA THR A 428 -21.25 -29.99 -24.60
C THR A 428 -20.23 -30.99 -25.15
N ARG A 429 -20.25 -31.21 -26.46
CA ARG A 429 -19.33 -32.16 -27.09
C ARG A 429 -18.24 -31.40 -27.82
N ASP A 430 -17.06 -32.02 -27.90
CA ASP A 430 -15.92 -31.43 -28.58
C ASP A 430 -16.30 -31.11 -30.02
N VAL A 431 -15.80 -29.97 -30.50
CA VAL A 431 -16.01 -29.52 -31.86
C VAL A 431 -14.69 -29.67 -32.63
N GLY A 432 -14.77 -30.27 -33.82
CA GLY A 432 -13.59 -30.57 -34.62
C GLY A 432 -13.11 -29.41 -35.48
N GLU A 433 -11.95 -29.60 -36.11
CA GLU A 433 -11.35 -28.55 -36.92
C GLU A 433 -12.26 -28.24 -38.11
N ASN A 434 -12.51 -26.96 -38.36
CA ASN A 434 -13.42 -26.53 -39.43
C ASN A 434 -14.82 -27.13 -39.34
N GLU A 435 -15.29 -27.43 -38.13
CA GLU A 435 -16.65 -27.91 -37.97
C GLU A 435 -17.55 -26.70 -37.69
N LEU A 436 -18.67 -26.66 -38.39
CA LEU A 436 -19.72 -25.67 -38.19
C LEU A 436 -20.84 -26.33 -37.42
N VAL A 437 -21.23 -25.73 -36.30
CA VAL A 437 -22.29 -26.24 -35.44
C VAL A 437 -23.39 -25.20 -35.37
N ILE A 438 -24.58 -25.54 -35.84
CA ILE A 438 -25.72 -24.62 -35.85
C ILE A 438 -26.87 -25.26 -35.09
N THR A 439 -27.53 -24.48 -34.25
CA THR A 439 -28.68 -24.98 -33.52
C THR A 439 -29.90 -25.01 -34.43
N ARG A 440 -30.64 -26.12 -34.39
CA ARG A 440 -31.91 -26.27 -35.07
C ARG A 440 -32.98 -25.86 -34.08
N VAL A 441 -33.71 -24.80 -34.36
CA VAL A 441 -34.78 -24.37 -33.47
C VAL A 441 -36.12 -24.75 -34.07
N ALA A 442 -37.07 -25.02 -33.20
CA ALA A 442 -38.45 -25.19 -33.58
C ALA A 442 -39.18 -23.97 -33.02
N GLN A 443 -39.99 -23.33 -33.85
CA GLN A 443 -40.81 -22.19 -33.44
C GLN A 443 -42.25 -22.38 -33.85
N ARG A 444 -43.16 -21.86 -33.04
CA ARG A 444 -44.55 -21.71 -33.43
C ARG A 444 -44.76 -20.26 -33.86
N HIS A 445 -45.47 -20.08 -34.97
CA HIS A 445 -45.84 -18.77 -35.49
C HIS A 445 -47.35 -18.65 -35.45
N ILE A 446 -47.85 -17.66 -34.72
CA ILE A 446 -49.27 -17.41 -34.58
C ILE A 446 -49.59 -16.04 -35.16
N GLN A 447 -50.37 -16.02 -36.24
CA GLN A 447 -50.70 -14.78 -36.94
C GLN A 447 -51.90 -14.10 -36.29
N GLY A 448 -51.99 -12.79 -36.48
CA GLY A 448 -53.12 -12.01 -36.01
C GLY A 448 -53.19 -11.92 -34.50
N TRP A 449 -52.03 -11.97 -33.85
CA TRP A 449 -51.94 -11.79 -32.42
C TRP A 449 -51.84 -10.33 -32.05
N GLN A 450 -52.92 -9.76 -31.52
CA GLN A 450 -52.97 -8.35 -31.21
C GLN A 450 -52.52 -8.12 -29.76
N ARG A 451 -51.45 -7.35 -29.61
CA ARG A 451 -51.05 -6.85 -28.30
C ARG A 451 -52.02 -5.74 -27.86
N PRO A 452 -52.17 -5.55 -26.56
CA PRO A 452 -52.97 -4.44 -26.01
C PRO A 452 -52.82 -3.08 -26.72
N ILE A 453 -53.96 -2.46 -27.06
CA ILE A 453 -53.99 -1.18 -27.77
C ILE A 453 -54.12 0.01 -26.79
N LYS A 454 -53.34 0.96 -26.84
C1' UD1 B . 5.53 11.96 23.27
C2' UD1 B . 6.74 12.69 23.87
C3' UD1 B . 6.61 14.19 23.66
C4' UD1 B . 6.46 14.53 22.19
C5' UD1 B . 5.59 13.56 21.38
C6' UD1 B . 5.85 13.46 19.89
C7' UD1 B . 7.36 11.47 25.91
C8' UD1 B . 7.24 11.42 27.41
N2' UD1 B . 6.69 12.46 25.31
O1' UD1 B . 4.33 12.36 23.92
O3' UD1 B . 7.70 14.91 24.20
O4' UD1 B . 6.06 15.87 21.98
O5' UD1 B . 5.31 12.27 21.90
O6' UD1 B . 4.53 13.35 19.35
O7' UD1 B . 8.06 10.68 25.28
N1 UD1 B . 4.68 4.11 23.72
C2 UD1 B . 5.23 2.78 23.84
N3 UD1 B . 5.29 2.25 25.18
C4 UD1 B . 5.20 3.06 26.22
C5 UD1 B . 4.84 4.34 26.01
C6 UD1 B . 4.61 4.83 24.78
O2 UD1 B . 5.23 1.80 22.82
O4 UD1 B . 5.42 2.59 27.44
C1B UD1 B . 4.46 4.67 22.39
C2B UD1 B . 3.02 5.21 22.34
O2' UD1 B . 2.07 4.21 22.02
C3B UD1 B . 3.11 6.29 21.31
C4B UD1 B . 4.53 6.82 21.46
O4B UD1 B . 5.31 5.78 22.10
O3B UD1 B . 2.94 5.76 20.02
C5B UD1 B . 4.54 8.11 22.26
O5B UD1 B . 4.13 7.81 23.60
PA UD1 B . 3.03 8.64 24.42
O1A UD1 B . 1.77 8.61 23.60
O2A UD1 B . 3.08 8.16 25.83
O3A UD1 B . 3.67 10.10 24.48
PB UD1 B . 3.01 11.43 23.91
O1B UD1 B . 2.55 11.20 22.49
O2B UD1 B . 2.06 11.99 24.94
O1 PG4 C . -23.01 -35.17 -20.12
C1 PG4 C . -23.92 -35.65 -19.14
C2 PG4 C . -23.21 -36.56 -18.13
O2 PG4 C . -21.93 -36.05 -17.75
C3 PG4 C . -21.99 -35.09 -16.69
C4 PG4 C . -20.73 -34.24 -16.69
O3 PG4 C . -19.59 -34.93 -17.19
C5 PG4 C . -18.36 -34.39 -16.70
C6 PG4 C . -17.26 -34.67 -17.71
O4 PG4 C . -17.14 -36.07 -17.97
C7 PG4 C . -16.48 -36.36 -19.20
C8 PG4 C . -16.19 -37.86 -19.32
O5 PG4 C . -14.97 -38.21 -18.68
O1 PG4 D . -24.02 -19.85 -41.49
C1 PG4 D . -23.05 -19.05 -42.13
C2 PG4 D . -21.93 -18.68 -41.15
O2 PG4 D . -22.49 -18.14 -39.94
C3 PG4 D . -22.13 -18.86 -38.77
C4 PG4 D . -22.49 -18.08 -37.52
O3 PG4 D . -23.88 -17.80 -37.56
C5 PG4 D . -24.37 -16.84 -36.60
C6 PG4 D . -25.50 -17.49 -35.84
O4 PG4 D . -26.78 -17.29 -36.35
C7 PG4 D . -27.79 -18.00 -35.66
C8 PG4 D . -28.41 -19.02 -36.58
O5 PG4 D . -27.73 -20.24 -36.44
C1 PEG E . -5.02 -5.98 24.42
O1 PEG E . -5.36 -4.83 23.65
C2 PEG E . -3.90 -6.68 23.69
O2 PEG E . -3.40 -7.87 24.30
C3 PEG E . -2.42 -8.52 23.47
C4 PEG E . -2.86 -9.93 23.12
O4 PEG E . -2.53 -10.27 21.77
S SO4 F . -17.88 -6.91 -32.09
O1 SO4 F . -17.67 -7.14 -33.51
O2 SO4 F . -19.29 -6.64 -31.83
O3 SO4 F . -17.06 -5.79 -31.64
O4 SO4 F . -17.47 -8.11 -31.34
S SO4 G . -13.68 -12.16 -37.20
O1 SO4 G . -12.84 -12.99 -38.05
O2 SO4 G . -13.86 -10.86 -37.85
O3 SO4 G . -13.02 -11.95 -35.92
O4 SO4 G . -14.97 -12.82 -37.03
S SO4 H . -3.03 5.06 23.59
O1 SO4 H . -4.45 4.98 23.29
O2 SO4 H . -2.63 6.47 23.61
O3 SO4 H . -2.22 4.36 22.61
O4 SO4 H . -2.81 4.50 24.92
S SO4 I . 30.60 10.06 17.44
O1 SO4 I . 30.24 9.23 16.30
O2 SO4 I . 29.58 11.09 17.63
O3 SO4 I . 31.89 10.69 17.20
O4 SO4 I . 30.69 9.24 18.64
S SO4 J . -11.64 -12.81 -7.09
O1 SO4 J . -11.53 -14.24 -7.38
O2 SO4 J . -12.85 -12.54 -6.32
O3 SO4 J . -11.65 -12.06 -8.33
O4 SO4 J . -10.46 -12.43 -6.30
S SO4 K . -17.07 -35.61 -26.71
O1 SO4 K . -17.51 -35.43 -28.09
O2 SO4 K . -16.50 -34.37 -26.19
O3 SO4 K . -16.06 -36.67 -26.67
O4 SO4 K . -18.21 -36.01 -25.87
#